data_1PHN
#
_entry.id   1PHN
#
_cell.length_a   106.420
_cell.length_b   106.420
_cell.length_c   176.180
_cell.angle_alpha   90.00
_cell.angle_beta   90.00
_cell.angle_gamma   120.00
#
_symmetry.space_group_name_H-M   'H 3 2'
#
loop_
_entity.id
_entity.type
_entity.pdbx_description
1 polymer PHYCOCYANIN
2 polymer PHYCOCYANIN
3 non-polymer PHYCOCYANOBILIN
4 non-polymer PHYCOERYTHROBILIN
5 water water
#
loop_
_entity_poly.entity_id
_entity_poly.type
_entity_poly.pdbx_seq_one_letter_code
_entity_poly.pdbx_strand_id
1 'polypeptide(L)'
;MKTPITEAIAAADNQGRFLSNTELQAVNGRYQRAAASLEAARSLTSNAERLINGAAQAVYSKFPYTSQMPGPQYASSAVG
KAKCARDIGYYLRMVTYCLVVGGTGPMDEYLIAGLEEINRTFDLSPSWYVEALNYIKANHGLSGQAANEANTYIDYAINA
LS
;
A
2 'polypeptide(L)'
;MLDAFAKVVAQADARGEFLSNTQLDALSKMVSEGNKRLDVVNRITSNASAIVTNAARALFSEQPQLIQPGG(MEN)AYTN
RRMAACLRDMEIILRYVSYAIIAGDSSILDDRCLNGLRETYQALGVPGASVAVGIEKMKDSAIAIANDPSGITTGDCSAL
MAEVGTYFDRAATAVQ
;
B
#
loop_
_chem_comp.id
_chem_comp.type
_chem_comp.name
_chem_comp.formula
CYC non-polymer PHYCOCYANOBILIN 'C33 H40 N4 O6'
PEB non-polymer PHYCOERYTHROBILIN 'C33 H40 N4 O6'
#
# COMPACT_ATOMS: atom_id res chain seq x y z
N MET A 1 -1.67 0.70 6.31
CA MET A 1 -0.29 0.24 6.55
C MET A 1 0.64 1.10 5.74
N LYS A 2 1.87 1.23 6.22
CA LYS A 2 2.90 2.01 5.57
C LYS A 2 3.64 1.21 4.46
N THR A 3 3.70 1.78 3.25
CA THR A 3 4.42 1.22 2.10
C THR A 3 4.96 2.42 1.32
N PRO A 4 5.90 2.22 0.40
CA PRO A 4 6.46 3.32 -0.40
C PRO A 4 5.37 4.06 -1.16
N ILE A 5 4.35 3.33 -1.58
CA ILE A 5 3.27 3.93 -2.31
C ILE A 5 2.35 4.72 -1.39
N THR A 6 1.92 4.13 -0.29
CA THR A 6 1.03 4.87 0.59
C THR A 6 1.72 6.09 1.20
N GLU A 7 3.04 6.01 1.41
CA GLU A 7 3.76 7.17 1.97
C GLU A 7 3.79 8.30 0.95
N ALA A 8 3.99 7.97 -0.33
CA ALA A 8 3.98 8.98 -1.39
C ALA A 8 2.63 9.67 -1.42
N ILE A 9 1.57 8.89 -1.27
CA ILE A 9 0.22 9.45 -1.27
C ILE A 9 0.03 10.34 -0.05
N ALA A 10 0.46 9.85 1.10
CA ALA A 10 0.35 10.60 2.35
C ALA A 10 1.04 11.95 2.23
N ALA A 11 2.21 11.96 1.61
CA ALA A 11 2.97 13.18 1.44
C ALA A 11 2.18 14.20 0.61
N ALA A 12 1.64 13.76 -0.53
CA ALA A 12 0.87 14.64 -1.40
C ALA A 12 -0.37 15.16 -0.69
N ASP A 13 -1.14 14.23 -0.14
CA ASP A 13 -2.38 14.51 0.59
C ASP A 13 -2.16 15.45 1.78
N ASN A 14 -1.02 15.34 2.46
CA ASN A 14 -0.75 16.21 3.62
C ASN A 14 -0.57 17.64 3.15
N GLN A 15 -0.09 17.80 1.93
CA GLN A 15 0.13 19.12 1.38
C GLN A 15 -1.02 19.58 0.48
N GLY A 16 -2.10 18.80 0.48
CA GLY A 16 -3.28 19.11 -0.32
C GLY A 16 -3.07 19.19 -1.82
N ARG A 17 -2.11 18.44 -2.33
CA ARG A 17 -1.82 18.50 -3.76
C ARG A 17 -1.81 17.15 -4.47
N PHE A 18 -1.77 17.23 -5.79
CA PHE A 18 -1.68 16.03 -6.60
C PHE A 18 -0.25 15.50 -6.42
N LEU A 19 -0.06 14.26 -6.83
CA LEU A 19 1.24 13.62 -6.78
C LEU A 19 2.13 14.39 -7.73
N SER A 20 3.39 14.54 -7.36
CA SER A 20 4.34 15.23 -8.22
C SER A 20 5.32 14.22 -8.77
N ASN A 21 6.20 14.70 -9.64
CA ASN A 21 7.18 13.84 -10.26
C ASN A 21 8.10 13.25 -9.21
N THR A 22 8.27 13.92 -8.08
CA THR A 22 9.09 13.40 -6.99
C THR A 22 8.45 12.10 -6.48
N GLU A 23 7.13 12.09 -6.31
CA GLU A 23 6.46 10.89 -5.84
C GLU A 23 6.38 9.81 -6.91
N LEU A 24 6.23 10.18 -8.18
CA LEU A 24 6.16 9.18 -9.24
C LEU A 24 7.53 8.51 -9.37
N GLN A 25 8.61 9.27 -9.20
CA GLN A 25 9.95 8.67 -9.30
C GLN A 25 10.16 7.71 -8.13
N ALA A 26 9.62 8.05 -6.96
CA ALA A 26 9.75 7.18 -5.80
C ALA A 26 9.03 5.86 -6.04
N VAL A 27 7.88 5.90 -6.71
CA VAL A 27 7.12 4.67 -6.99
C VAL A 27 7.87 3.88 -8.05
N ASN A 28 8.41 4.57 -9.06
CA ASN A 28 9.19 3.90 -10.08
C ASN A 28 10.35 3.18 -9.40
N GLY A 29 10.93 3.80 -8.38
CA GLY A 29 12.05 3.17 -7.67
C GLY A 29 11.67 1.86 -7.03
N ARG A 30 10.47 1.80 -6.45
CA ARG A 30 9.96 0.59 -5.82
C ARG A 30 9.73 -0.49 -6.91
N TYR A 31 9.13 -0.09 -8.04
CA TYR A 31 8.88 -1.04 -9.12
C TYR A 31 10.16 -1.67 -9.65
N GLN A 32 11.22 -0.87 -9.80
CA GLN A 32 12.50 -1.39 -10.32
C GLN A 32 13.16 -2.37 -9.36
N ARG A 33 13.00 -2.12 -8.07
CA ARG A 33 13.60 -2.96 -7.07
C ARG A 33 12.81 -4.24 -6.78
N ALA A 34 11.52 -4.23 -7.13
CA ALA A 34 10.62 -5.33 -6.87
C ALA A 34 11.04 -6.69 -7.39
N ALA A 35 11.75 -6.74 -8.52
CA ALA A 35 12.20 -8.03 -9.07
C ALA A 35 13.09 -8.78 -8.06
N ALA A 36 14.01 -8.03 -7.43
CA ALA A 36 14.94 -8.61 -6.44
C ALA A 36 14.21 -8.95 -5.15
N SER A 37 13.25 -8.09 -4.76
CA SER A 37 12.47 -8.32 -3.55
C SER A 37 11.63 -9.58 -3.65
N LEU A 38 10.95 -9.77 -4.78
CA LEU A 38 10.09 -10.93 -4.98
C LEU A 38 10.89 -12.23 -5.18
N GLU A 39 12.09 -12.16 -5.75
CA GLU A 39 12.92 -13.35 -5.88
C GLU A 39 13.27 -13.79 -4.44
N ALA A 40 13.65 -12.85 -3.57
CA ALA A 40 13.98 -13.16 -2.19
C ALA A 40 12.78 -13.71 -1.44
N ALA A 41 11.62 -13.08 -1.60
CA ALA A 41 10.42 -13.54 -0.93
C ALA A 41 10.05 -14.96 -1.34
N ARG A 42 10.17 -15.27 -2.64
CA ARG A 42 9.84 -16.60 -3.13
C ARG A 42 10.78 -17.65 -2.53
N SER A 43 12.07 -17.34 -2.55
CA SER A 43 13.10 -18.25 -2.02
C SER A 43 12.94 -18.51 -0.52
N LEU A 44 12.78 -17.44 0.26
CA LEU A 44 12.61 -17.57 1.71
C LEU A 44 11.37 -18.39 2.08
N THR A 45 10.29 -18.17 1.34
CA THR A 45 9.04 -18.89 1.57
C THR A 45 9.16 -20.39 1.26
N SER A 46 9.71 -20.74 0.10
CA SER A 46 9.84 -22.14 -0.21
C SER A 46 10.81 -22.87 0.74
N ASN A 47 11.76 -22.14 1.32
CA ASN A 47 12.72 -22.74 2.27
C ASN A 47 12.38 -22.44 3.74
N ALA A 48 11.18 -21.96 4.02
CA ALA A 48 10.80 -21.58 5.39
C ALA A 48 11.01 -22.60 6.50
N GLU A 49 10.45 -23.79 6.34
CA GLU A 49 10.59 -24.80 7.36
C GLU A 49 12.02 -25.14 7.68
N ARG A 50 12.85 -25.25 6.66
CA ARG A 50 14.25 -25.56 6.83
C ARG A 50 14.98 -24.44 7.60
N LEU A 51 14.72 -23.18 7.23
CA LEU A 51 15.35 -22.05 7.89
C LEU A 51 14.89 -21.88 9.33
N ILE A 52 13.60 -22.11 9.58
CA ILE A 52 13.04 -21.97 10.94
C ILE A 52 13.61 -23.03 11.89
N ASN A 53 13.60 -24.28 11.44
CA ASN A 53 14.13 -25.39 12.26
C ASN A 53 15.61 -25.24 12.50
N GLY A 54 16.36 -24.87 11.46
CA GLY A 54 17.79 -24.67 11.59
C GLY A 54 18.10 -23.48 12.48
N ALA A 55 17.27 -22.43 12.40
CA ALA A 55 17.49 -21.25 13.23
C ALA A 55 17.23 -21.54 14.69
N ALA A 56 16.19 -22.32 14.96
CA ALA A 56 15.87 -22.66 16.34
C ALA A 56 17.04 -23.48 16.91
N GLN A 57 17.54 -24.43 16.12
CA GLN A 57 18.66 -25.25 16.59
C GLN A 57 19.94 -24.42 16.85
N ALA A 58 20.18 -23.41 16.02
CA ALA A 58 21.34 -22.54 16.19
C ALA A 58 21.26 -21.77 17.52
N VAL A 59 20.04 -21.43 17.94
CA VAL A 59 19.85 -20.72 19.19
C VAL A 59 20.15 -21.65 20.36
N TYR A 60 19.58 -22.86 20.29
CA TYR A 60 19.77 -23.86 21.34
C TYR A 60 21.22 -24.24 21.48
N SER A 61 21.95 -24.26 20.37
CA SER A 61 23.37 -24.60 20.41
C SER A 61 24.22 -23.46 20.97
N LYS A 62 23.88 -22.24 20.62
CA LYS A 62 24.62 -21.09 21.10
C LYS A 62 24.33 -20.82 22.57
N PHE A 63 23.07 -20.98 22.96
CA PHE A 63 22.63 -20.75 24.34
C PHE A 63 22.06 -22.04 24.92
N PRO A 64 22.92 -22.99 25.32
CA PRO A 64 22.46 -24.27 25.87
C PRO A 64 21.47 -24.19 27.04
N TYR A 65 21.66 -23.21 27.94
CA TYR A 65 20.75 -23.07 29.07
C TYR A 65 19.28 -22.92 28.69
N THR A 66 19.01 -22.45 27.48
CA THR A 66 17.62 -22.27 27.05
C THR A 66 16.84 -23.58 26.91
N SER A 67 17.53 -24.70 26.75
CA SER A 67 16.84 -25.97 26.62
C SER A 67 16.93 -26.80 27.91
N GLN A 68 17.65 -26.28 28.91
CA GLN A 68 17.81 -26.99 30.19
C GLN A 68 17.08 -26.39 31.39
N MET A 69 17.17 -25.07 31.56
CA MET A 69 16.53 -24.40 32.70
C MET A 69 15.01 -24.47 32.71
N PRO A 70 14.42 -24.85 33.87
CA PRO A 70 12.96 -24.93 33.96
C PRO A 70 12.36 -23.52 34.04
N GLY A 71 11.19 -23.34 33.44
CA GLY A 71 10.57 -22.04 33.47
C GLY A 71 9.81 -21.84 32.18
N PRO A 72 8.70 -21.11 32.22
CA PRO A 72 7.90 -20.88 31.00
C PRO A 72 8.59 -20.08 29.89
N GLN A 73 9.57 -19.26 30.25
CA GLN A 73 10.26 -18.45 29.27
C GLN A 73 11.28 -19.23 28.46
N TYR A 74 11.58 -20.45 28.88
CA TYR A 74 12.60 -21.25 28.19
C TYR A 74 12.05 -22.31 27.27
N ALA A 75 12.92 -22.84 26.42
CA ALA A 75 12.59 -23.91 25.47
C ALA A 75 12.99 -25.26 26.06
N SER A 76 12.79 -25.41 27.37
CA SER A 76 13.12 -26.64 28.06
C SER A 76 11.91 -27.58 28.16
N SER A 77 10.76 -27.13 27.65
CA SER A 77 9.54 -27.95 27.66
C SER A 77 9.06 -28.06 26.21
N ALA A 78 8.11 -28.96 25.96
CA ALA A 78 7.57 -29.12 24.60
C ALA A 78 6.88 -27.84 24.15
N VAL A 79 6.10 -27.26 25.04
CA VAL A 79 5.40 -26.02 24.73
C VAL A 79 6.42 -24.90 24.46
N GLY A 80 7.52 -24.92 25.21
CA GLY A 80 8.56 -23.91 25.03
C GLY A 80 9.21 -24.00 23.67
N LYS A 81 9.60 -25.21 23.26
CA LYS A 81 10.21 -25.43 21.97
C LYS A 81 9.26 -25.08 20.82
N ALA A 82 7.98 -25.40 20.99
CA ALA A 82 6.98 -25.08 19.96
C ALA A 82 6.81 -23.54 19.82
N LYS A 83 6.80 -22.83 20.95
CA LYS A 83 6.66 -21.36 20.90
C LYS A 83 7.87 -20.69 20.36
N CYS A 84 9.05 -21.25 20.60
CA CYS A 84 10.29 -20.67 20.09
C CYS A 84 10.34 -20.76 18.56
N ALA A 85 10.06 -21.94 18.02
CA ALA A 85 10.04 -22.11 16.57
C ALA A 85 8.94 -21.23 15.97
N ARG A 86 7.82 -21.11 16.68
CA ARG A 86 6.72 -20.26 16.22
C ARG A 86 7.18 -18.81 16.09
N ASP A 87 7.84 -18.29 17.13
CA ASP A 87 8.34 -16.93 17.14
C ASP A 87 9.30 -16.68 15.97
N ILE A 88 10.24 -17.59 15.77
CA ILE A 88 11.20 -17.48 14.69
C ILE A 88 10.47 -17.46 13.35
N GLY A 89 9.42 -18.26 13.24
CA GLY A 89 8.63 -18.29 12.01
C GLY A 89 7.96 -16.95 11.81
N TYR A 90 7.50 -16.32 12.90
CA TYR A 90 6.88 -15.00 12.77
C TYR A 90 7.88 -14.00 12.18
N TYR A 91 9.12 -14.01 12.67
CA TYR A 91 10.11 -13.08 12.13
C TYR A 91 10.37 -13.33 10.66
N LEU A 92 10.48 -14.58 10.26
CA LEU A 92 10.74 -14.90 8.86
C LEU A 92 9.54 -14.46 8.00
N ARG A 93 8.33 -14.70 8.48
CA ARG A 93 7.14 -14.30 7.75
C ARG A 93 7.09 -12.76 7.58
N MET A 94 7.41 -12.01 8.64
CA MET A 94 7.40 -10.55 8.52
C MET A 94 8.43 -10.06 7.49
N VAL A 95 9.57 -10.72 7.42
CA VAL A 95 10.60 -10.36 6.44
C VAL A 95 10.01 -10.50 5.02
N THR A 96 9.36 -11.62 4.73
CA THR A 96 8.77 -11.80 3.40
C THR A 96 7.72 -10.75 3.10
N TYR A 97 6.96 -10.32 4.10
CA TYR A 97 5.93 -9.29 3.93
C TYR A 97 6.57 -7.94 3.57
N CYS A 98 7.67 -7.60 4.23
CA CYS A 98 8.40 -6.36 3.93
C CYS A 98 8.89 -6.41 2.50
N LEU A 99 9.44 -7.55 2.08
CA LEU A 99 9.93 -7.70 0.70
C LEU A 99 8.80 -7.48 -0.33
N VAL A 100 7.63 -8.03 -0.02
CA VAL A 100 6.47 -7.89 -0.89
C VAL A 100 5.98 -6.44 -1.06
N VAL A 101 5.84 -5.69 0.03
CA VAL A 101 5.35 -4.33 -0.06
C VAL A 101 6.43 -3.33 -0.32
N GLY A 102 7.68 -3.75 -0.15
CA GLY A 102 8.80 -2.86 -0.40
C GLY A 102 9.13 -1.88 0.72
N GLY A 103 8.82 -2.24 1.96
CA GLY A 103 9.12 -1.33 3.05
C GLY A 103 9.04 -2.07 4.37
N THR A 104 9.33 -1.40 5.47
CA THR A 104 9.30 -2.03 6.78
C THR A 104 7.94 -2.03 7.48
N GLY A 105 6.92 -1.45 6.85
CA GLY A 105 5.59 -1.33 7.42
C GLY A 105 5.00 -2.55 8.11
N PRO A 106 4.99 -3.71 7.46
CA PRO A 106 4.44 -4.92 8.08
C PRO A 106 5.21 -5.26 9.35
N MET A 107 6.54 -5.14 9.31
CA MET A 107 7.31 -5.47 10.50
C MET A 107 7.06 -4.44 11.60
N ASP A 108 7.03 -3.17 11.23
CA ASP A 108 6.82 -2.12 12.20
C ASP A 108 5.49 -2.28 12.93
N GLU A 109 4.45 -2.61 12.18
CA GLU A 109 3.13 -2.72 12.76
C GLU A 109 2.81 -4.01 13.50
N TYR A 110 3.22 -5.13 12.94
CA TYR A 110 2.89 -6.43 13.52
C TYR A 110 3.90 -6.98 14.53
N LEU A 111 5.12 -6.45 14.51
CA LEU A 111 6.13 -6.99 15.40
C LEU A 111 6.91 -6.01 16.25
N ILE A 112 7.40 -4.93 15.63
CA ILE A 112 8.21 -3.99 16.37
C ILE A 112 7.48 -3.19 17.41
N ALA A 113 6.26 -2.77 17.08
CA ALA A 113 5.47 -2.00 18.02
C ALA A 113 5.16 -2.91 19.17
N GLY A 114 5.61 -2.56 20.37
CA GLY A 114 5.34 -3.38 21.54
C GLY A 114 6.41 -4.43 21.85
N LEU A 115 7.39 -4.57 20.97
CA LEU A 115 8.45 -5.56 21.15
C LEU A 115 9.19 -5.48 22.48
N GLU A 116 9.61 -4.28 22.86
CA GLU A 116 10.36 -4.11 24.11
C GLU A 116 9.55 -4.56 25.33
N GLU A 117 8.29 -4.16 25.40
CA GLU A 117 7.41 -4.53 26.51
C GLU A 117 7.20 -6.03 26.59
N ILE A 118 6.99 -6.66 25.45
CA ILE A 118 6.78 -8.10 25.43
C ILE A 118 8.02 -8.86 25.88
N ASN A 119 9.18 -8.48 25.37
CA ASN A 119 10.41 -9.17 25.74
C ASN A 119 10.70 -9.03 27.24
N ARG A 120 10.47 -7.83 27.78
CA ARG A 120 10.72 -7.61 29.20
C ARG A 120 9.68 -8.34 30.06
N THR A 121 8.42 -8.27 29.67
CA THR A 121 7.35 -8.89 30.42
C THR A 121 7.46 -10.42 30.52
N PHE A 122 7.73 -11.07 29.40
CA PHE A 122 7.84 -12.53 29.37
C PHE A 122 9.25 -13.09 29.57
N ASP A 123 10.22 -12.20 29.84
CA ASP A 123 11.62 -12.60 30.08
C ASP A 123 12.26 -13.30 28.89
N LEU A 124 12.07 -12.72 27.72
CA LEU A 124 12.65 -13.23 26.49
C LEU A 124 13.85 -12.38 26.17
N SER A 125 14.98 -13.03 25.95
CA SER A 125 16.18 -12.29 25.63
C SER A 125 16.31 -11.91 24.17
N PRO A 126 16.52 -10.61 23.91
CA PRO A 126 16.68 -10.09 22.55
C PRO A 126 17.77 -10.84 21.80
N SER A 127 18.86 -11.16 22.49
CA SER A 127 19.97 -11.85 21.85
C SER A 127 19.63 -13.24 21.31
N TRP A 128 18.54 -13.85 21.81
CA TRP A 128 18.16 -15.18 21.30
C TRP A 128 17.68 -15.01 19.86
N TYR A 129 16.90 -13.97 19.64
CA TYR A 129 16.34 -13.70 18.32
C TYR A 129 17.41 -13.18 17.37
N VAL A 130 18.39 -12.43 17.87
CA VAL A 130 19.48 -11.94 17.01
C VAL A 130 20.27 -13.14 16.43
N GLU A 131 20.52 -14.15 17.25
CA GLU A 131 21.22 -15.35 16.78
C GLU A 131 20.36 -16.10 15.72
N ALA A 132 19.05 -16.18 15.94
CA ALA A 132 18.19 -16.85 14.96
C ALA A 132 18.22 -16.10 13.63
N LEU A 133 18.17 -14.76 13.69
CA LEU A 133 18.22 -13.97 12.48
C LEU A 133 19.56 -14.09 11.78
N ASN A 134 20.64 -14.14 12.56
CA ASN A 134 21.96 -14.30 11.95
C ASN A 134 22.08 -15.62 11.20
N TYR A 135 21.44 -16.65 11.72
CA TYR A 135 21.46 -17.95 11.07
C TYR A 135 20.73 -17.85 9.71
N ILE A 136 19.56 -17.23 9.69
CA ILE A 136 18.79 -17.10 8.45
C ILE A 136 19.59 -16.37 7.36
N LYS A 137 20.28 -15.31 7.77
CA LYS A 137 21.09 -14.49 6.87
C LYS A 137 22.23 -15.32 6.25
N ALA A 138 22.83 -16.17 7.08
CA ALA A 138 23.94 -17.02 6.67
C ALA A 138 23.53 -18.25 5.87
N ASN A 139 22.26 -18.61 5.93
CA ASN A 139 21.79 -19.83 5.26
C ASN A 139 20.70 -19.74 4.21
N HIS A 140 20.25 -18.54 3.86
CA HIS A 140 19.18 -18.47 2.86
C HIS A 140 19.60 -18.81 1.45
N GLY A 141 20.90 -18.81 1.21
CA GLY A 141 21.45 -19.15 -0.09
C GLY A 141 21.17 -18.22 -1.25
N LEU A 142 20.73 -17.01 -0.96
CA LEU A 142 20.42 -16.06 -2.02
C LEU A 142 21.70 -15.36 -2.47
N SER A 143 21.67 -14.75 -3.65
CA SER A 143 22.84 -14.03 -4.12
C SER A 143 22.41 -12.70 -4.75
N GLY A 144 23.38 -11.86 -5.05
CA GLY A 144 23.11 -10.58 -5.69
C GLY A 144 22.17 -9.66 -4.94
N GLN A 145 21.39 -8.90 -5.69
CA GLN A 145 20.45 -7.97 -5.11
C GLN A 145 19.31 -8.62 -4.32
N ALA A 146 18.98 -9.89 -4.60
CA ALA A 146 17.95 -10.57 -3.82
C ALA A 146 18.51 -10.82 -2.42
N ALA A 147 19.81 -11.15 -2.32
CA ALA A 147 20.39 -11.37 -1.00
C ALA A 147 20.39 -10.03 -0.27
N ASN A 148 20.66 -8.96 -1.02
CA ASN A 148 20.73 -7.61 -0.48
C ASN A 148 19.37 -7.23 0.13
N GLU A 149 18.31 -7.47 -0.62
CA GLU A 149 16.95 -7.17 -0.12
C GLU A 149 16.61 -7.96 1.14
N ALA A 150 16.89 -9.26 1.15
CA ALA A 150 16.57 -10.07 2.32
C ALA A 150 17.33 -9.61 3.53
N ASN A 151 18.64 -9.40 3.35
CA ASN A 151 19.50 -8.99 4.45
C ASN A 151 19.20 -7.62 5.00
N THR A 152 18.74 -6.70 4.16
CA THR A 152 18.40 -5.36 4.63
C THR A 152 17.26 -5.44 5.65
N TYR A 153 16.29 -6.29 5.42
CA TYR A 153 15.17 -6.41 6.36
C TYR A 153 15.51 -7.22 7.59
N ILE A 154 16.37 -8.21 7.41
CA ILE A 154 16.83 -9.04 8.53
C ILE A 154 17.63 -8.12 9.44
N ASP A 155 18.53 -7.32 8.86
CA ASP A 155 19.31 -6.38 9.65
C ASP A 155 18.46 -5.31 10.31
N TYR A 156 17.37 -4.91 9.66
CA TYR A 156 16.48 -3.93 10.25
C TYR A 156 15.90 -4.53 11.55
N ALA A 157 15.58 -5.82 11.55
CA ALA A 157 15.07 -6.48 12.76
C ALA A 157 16.19 -6.56 13.83
N ILE A 158 17.39 -6.94 13.39
CA ILE A 158 18.51 -7.02 14.32
C ILE A 158 18.74 -5.68 15.01
N ASN A 159 18.67 -4.58 14.27
CA ASN A 159 18.88 -3.26 14.87
C ASN A 159 17.80 -2.91 15.88
N ALA A 160 16.58 -3.38 15.65
CA ALA A 160 15.50 -3.09 16.58
C ALA A 160 15.72 -3.84 17.88
N LEU A 161 16.48 -4.93 17.83
CA LEU A 161 16.72 -5.76 19.01
C LEU A 161 18.03 -5.42 19.73
N SER A 162 18.78 -4.49 19.17
CA SER A 162 20.08 -4.11 19.70
C SER A 162 20.11 -2.65 20.06
N MET B 1 -4.50 3.64 5.04
CA MET B 1 -4.99 3.07 3.76
C MET B 1 -4.05 1.96 3.30
N LEU B 2 -4.36 1.34 2.17
CA LEU B 2 -3.55 0.26 1.65
C LEU B 2 -3.39 0.41 0.16
N ASP B 3 -2.35 -0.23 -0.37
CA ASP B 3 -2.17 -0.27 -1.81
C ASP B 3 -2.44 -1.74 -2.11
N ALA B 4 -2.42 -2.17 -3.37
CA ALA B 4 -2.69 -3.56 -3.69
C ALA B 4 -1.75 -4.59 -3.06
N PHE B 5 -0.50 -4.21 -2.82
CA PHE B 5 0.48 -5.13 -2.22
C PHE B 5 0.18 -5.35 -0.73
N ALA B 6 -0.13 -4.27 -0.02
CA ALA B 6 -0.41 -4.32 1.41
C ALA B 6 -1.72 -5.05 1.69
N LYS B 7 -2.69 -4.90 0.79
CA LYS B 7 -3.98 -5.54 0.98
C LYS B 7 -3.79 -7.06 1.03
N VAL B 8 -2.94 -7.60 0.17
CA VAL B 8 -2.68 -9.03 0.14
C VAL B 8 -1.96 -9.52 1.40
N VAL B 9 -1.02 -8.71 1.87
CA VAL B 9 -0.26 -9.02 3.07
C VAL B 9 -1.15 -9.06 4.34
N ALA B 10 -2.01 -8.07 4.51
CA ALA B 10 -2.90 -7.98 5.68
C ALA B 10 -3.82 -9.19 5.74
N GLN B 11 -4.28 -9.61 4.58
CA GLN B 11 -5.15 -10.77 4.49
C GLN B 11 -4.43 -12.04 4.89
N ALA B 12 -3.20 -12.20 4.40
CA ALA B 12 -2.38 -13.37 4.73
C ALA B 12 -2.02 -13.41 6.21
N ASP B 13 -1.69 -12.25 6.78
CA ASP B 13 -1.30 -12.20 8.18
C ASP B 13 -2.44 -12.66 9.09
N ALA B 14 -3.66 -12.26 8.77
CA ALA B 14 -4.83 -12.66 9.56
C ALA B 14 -5.00 -14.18 9.63
N ARG B 15 -4.47 -14.86 8.63
CA ARG B 15 -4.53 -16.32 8.60
C ARG B 15 -3.18 -16.92 9.02
N GLY B 16 -2.20 -16.05 9.23
CA GLY B 16 -0.87 -16.49 9.64
C GLY B 16 -0.14 -17.23 8.55
N GLU B 17 -0.39 -16.84 7.30
CA GLU B 17 0.22 -17.50 6.16
C GLU B 17 1.26 -16.73 5.39
N PHE B 18 2.16 -17.48 4.75
CA PHE B 18 3.16 -16.91 3.86
C PHE B 18 2.35 -16.77 2.57
N LEU B 19 2.74 -15.88 1.67
CA LEU B 19 1.96 -15.74 0.45
C LEU B 19 2.25 -16.95 -0.42
N SER B 20 1.27 -17.39 -1.22
CA SER B 20 1.45 -18.53 -2.10
C SER B 20 2.18 -18.10 -3.38
N ASN B 21 2.69 -19.06 -4.16
CA ASN B 21 3.36 -18.69 -5.40
C ASN B 21 2.44 -17.95 -6.38
N THR B 22 1.17 -18.33 -6.47
CA THR B 22 0.26 -17.64 -7.38
C THR B 22 0.00 -16.21 -6.94
N GLN B 23 0.02 -15.98 -5.62
CA GLN B 23 -0.18 -14.64 -5.11
C GLN B 23 1.07 -13.83 -5.50
N LEU B 24 2.24 -14.44 -5.40
CA LEU B 24 3.47 -13.76 -5.77
C LEU B 24 3.49 -13.46 -7.27
N ASP B 25 3.03 -14.40 -8.07
CA ASP B 25 2.95 -14.22 -9.51
C ASP B 25 2.03 -13.04 -9.83
N ALA B 26 0.89 -12.98 -9.16
CA ALA B 26 -0.06 -11.90 -9.36
C ALA B 26 0.58 -10.55 -9.04
N LEU B 27 1.40 -10.50 -8.00
CA LEU B 27 2.06 -9.25 -7.65
C LEU B 27 3.14 -8.87 -8.67
N SER B 28 3.82 -9.86 -9.23
CA SER B 28 4.82 -9.61 -10.26
C SER B 28 4.15 -8.98 -11.48
N LYS B 29 2.99 -9.50 -11.86
CA LYS B 29 2.29 -8.95 -13.00
C LYS B 29 1.90 -7.50 -12.77
N MET B 30 1.54 -7.16 -11.53
CA MET B 30 1.16 -5.79 -11.28
C MET B 30 2.37 -4.89 -11.43
N VAL B 31 3.54 -5.40 -11.05
CA VAL B 31 4.75 -4.63 -11.20
C VAL B 31 5.05 -4.41 -12.68
N SER B 32 4.78 -5.41 -13.52
CA SER B 32 5.01 -5.32 -14.96
C SER B 32 4.20 -4.21 -15.60
N GLU B 33 2.96 -4.04 -15.13
CA GLU B 33 2.06 -3.02 -15.63
C GLU B 33 2.39 -1.65 -15.05
N GLY B 34 3.46 -1.60 -14.25
CA GLY B 34 3.89 -0.38 -13.58
C GLY B 34 4.09 0.87 -14.40
N ASN B 35 4.80 0.76 -15.52
CA ASN B 35 5.05 1.94 -16.35
C ASN B 35 3.75 2.50 -16.89
N LYS B 36 2.84 1.60 -17.27
CA LYS B 36 1.53 2.01 -17.81
C LYS B 36 0.75 2.78 -16.74
N ARG B 37 0.77 2.26 -15.52
CA ARG B 37 0.07 2.90 -14.41
C ARG B 37 0.62 4.31 -14.16
N LEU B 38 1.93 4.48 -14.24
CA LEU B 38 2.56 5.78 -14.03
C LEU B 38 2.16 6.77 -15.14
N ASP B 39 2.05 6.29 -16.37
CA ASP B 39 1.64 7.14 -17.49
C ASP B 39 0.25 7.68 -17.26
N VAL B 40 -0.66 6.82 -16.79
CA VAL B 40 -2.03 7.26 -16.50
C VAL B 40 -2.06 8.36 -15.43
N VAL B 41 -1.43 8.12 -14.28
CA VAL B 41 -1.40 9.12 -13.21
C VAL B 41 -0.77 10.45 -13.70
N ASN B 42 0.36 10.37 -14.39
CA ASN B 42 1.06 11.54 -14.94
C ASN B 42 0.17 12.30 -15.90
N ARG B 43 -0.48 11.58 -16.83
CA ARG B 43 -1.40 12.22 -17.79
C ARG B 43 -2.57 12.91 -17.11
N ILE B 44 -3.21 12.27 -16.15
CA ILE B 44 -4.32 12.89 -15.45
C ILE B 44 -3.84 14.14 -14.66
N THR B 45 -2.78 13.99 -13.87
CA THR B 45 -2.22 15.09 -13.09
C THR B 45 -1.85 16.30 -13.94
N SER B 46 -1.11 16.04 -15.02
CA SER B 46 -0.66 17.09 -15.96
C SER B 46 -1.78 17.87 -16.64
N ASN B 47 -2.99 17.33 -16.63
CA ASN B 47 -4.16 17.98 -17.26
C ASN B 47 -5.26 18.22 -16.23
N ALA B 48 -4.91 18.24 -14.95
CA ALA B 48 -5.90 18.41 -13.89
C ALA B 48 -6.76 19.68 -13.97
N SER B 49 -6.13 20.83 -14.17
CA SER B 49 -6.91 22.06 -14.25
C SER B 49 -7.91 22.02 -15.42
N ALA B 50 -7.47 21.48 -16.55
CA ALA B 50 -8.33 21.40 -17.73
C ALA B 50 -9.51 20.48 -17.49
N ILE B 51 -9.21 19.33 -16.88
CA ILE B 51 -10.25 18.33 -16.62
C ILE B 51 -11.33 18.93 -15.72
N VAL B 52 -10.91 19.60 -14.66
CA VAL B 52 -11.85 20.20 -13.72
C VAL B 52 -12.62 21.38 -14.32
N THR B 53 -11.91 22.30 -14.94
CA THR B 53 -12.54 23.46 -15.52
C THR B 53 -13.55 23.14 -16.61
N ASN B 54 -13.22 22.23 -17.51
CA ASN B 54 -14.16 21.90 -18.60
C ASN B 54 -15.37 21.17 -18.08
N ALA B 55 -15.18 20.32 -17.08
CA ALA B 55 -16.31 19.58 -16.51
C ALA B 55 -17.23 20.57 -15.81
N ALA B 56 -16.65 21.53 -15.09
CA ALA B 56 -17.43 22.55 -14.38
C ALA B 56 -18.23 23.37 -15.36
N ARG B 57 -17.59 23.84 -16.42
CA ARG B 57 -18.25 24.64 -17.45
C ARG B 57 -19.44 23.85 -18.03
N ALA B 58 -19.22 22.58 -18.37
CA ALA B 58 -20.27 21.75 -18.92
C ALA B 58 -21.43 21.57 -17.93
N LEU B 59 -21.11 21.36 -16.65
CA LEU B 59 -22.16 21.18 -15.65
C LEU B 59 -23.04 22.42 -15.55
N PHE B 60 -22.41 23.60 -15.46
CA PHE B 60 -23.13 24.86 -15.33
C PHE B 60 -23.93 25.28 -16.54
N SER B 61 -23.56 24.83 -17.74
CA SER B 61 -24.38 25.19 -18.89
C SER B 61 -25.59 24.24 -18.97
N GLU B 62 -25.39 23.01 -18.52
CA GLU B 62 -26.45 22.01 -18.54
C GLU B 62 -27.49 22.30 -17.44
N GLN B 63 -26.99 22.73 -16.28
CA GLN B 63 -27.84 23.05 -15.13
C GLN B 63 -27.63 24.50 -14.72
N PRO B 64 -28.17 25.45 -15.48
CA PRO B 64 -27.98 26.86 -15.14
C PRO B 64 -28.55 27.33 -13.80
N GLN B 65 -29.50 26.59 -13.24
CA GLN B 65 -30.06 26.99 -11.97
C GLN B 65 -29.00 26.94 -10.88
N LEU B 66 -27.92 26.16 -11.09
CA LEU B 66 -26.87 26.07 -10.07
C LEU B 66 -26.20 27.38 -9.78
N ILE B 67 -26.09 28.23 -10.81
CA ILE B 67 -25.41 29.50 -10.67
C ILE B 67 -26.27 30.76 -10.60
N GLN B 68 -27.59 30.62 -10.72
CA GLN B 68 -28.47 31.79 -10.63
C GLN B 68 -28.52 32.17 -9.15
N PRO B 69 -28.87 33.44 -8.83
CA PRO B 69 -28.92 33.83 -7.42
C PRO B 69 -29.77 32.86 -6.60
N GLY B 70 -29.23 32.44 -5.46
CA GLY B 70 -29.92 31.48 -4.62
C GLY B 70 -29.54 30.05 -4.96
N GLY B 71 -28.80 29.87 -6.05
CA GLY B 71 -28.36 28.53 -6.45
C GLY B 71 -27.19 28.12 -5.60
N MEN B 72 -26.93 26.82 -5.49
CA MEN B 72 -25.84 26.36 -4.64
C MEN B 72 -24.44 26.77 -5.08
O MEN B 72 -23.53 26.77 -4.25
CB MEN B 72 -25.91 24.86 -4.37
CG MEN B 72 -25.13 24.46 -3.10
OD1 MEN B 72 -24.25 23.62 -3.13
ND2 MEN B 72 -25.49 25.07 -1.98
CE2 MEN B 72 -24.92 24.91 -0.69
N ALA B 73 -24.26 27.14 -6.34
CA ALA B 73 -22.92 27.55 -6.82
C ALA B 73 -22.83 29.05 -7.07
N TYR B 74 -23.83 29.79 -6.60
CA TYR B 74 -23.86 31.24 -6.72
C TYR B 74 -22.99 31.82 -5.59
N THR B 75 -22.35 32.95 -5.88
CA THR B 75 -21.38 33.72 -5.08
C THR B 75 -20.02 33.11 -5.35
N ASN B 76 -18.96 33.90 -5.32
CA ASN B 76 -17.67 33.31 -5.60
C ASN B 76 -17.19 32.32 -4.55
N ARG B 77 -17.62 32.48 -3.30
CA ARG B 77 -17.20 31.57 -2.21
C ARG B 77 -17.74 30.16 -2.48
N ARG B 78 -19.01 30.06 -2.87
CA ARG B 78 -19.60 28.77 -3.17
C ARG B 78 -19.07 28.19 -4.48
N MET B 79 -18.83 29.04 -5.46
CA MET B 79 -18.24 28.57 -6.72
C MET B 79 -16.83 28.00 -6.44
N ALA B 80 -16.01 28.70 -5.67
CA ALA B 80 -14.68 28.20 -5.35
C ALA B 80 -14.75 26.88 -4.56
N ALA B 81 -15.71 26.77 -3.66
CA ALA B 81 -15.86 25.53 -2.89
C ALA B 81 -16.27 24.42 -3.82
N CYS B 82 -17.11 24.76 -4.80
CA CYS B 82 -17.56 23.77 -5.77
C CYS B 82 -16.42 23.26 -6.63
N LEU B 83 -15.59 24.18 -7.13
CA LEU B 83 -14.45 23.80 -7.98
C LEU B 83 -13.47 22.97 -7.13
N ARG B 84 -13.31 23.34 -5.85
CA ARG B 84 -12.44 22.60 -4.95
C ARG B 84 -12.90 21.15 -4.76
N ASP B 85 -14.21 20.94 -4.64
CA ASP B 85 -14.75 19.60 -4.48
C ASP B 85 -14.36 18.73 -5.66
N MET B 86 -14.50 19.27 -6.86
CA MET B 86 -14.15 18.50 -8.06
C MET B 86 -12.65 18.17 -8.13
N GLU B 87 -11.81 19.13 -7.75
CA GLU B 87 -10.37 18.91 -7.73
C GLU B 87 -9.99 17.83 -6.69
N ILE B 88 -10.65 17.88 -5.52
CA ILE B 88 -10.42 16.91 -4.46
C ILE B 88 -10.75 15.48 -4.95
N ILE B 89 -11.89 15.32 -5.59
CA ILE B 89 -12.31 14.01 -6.11
C ILE B 89 -11.30 13.52 -7.15
N LEU B 90 -10.90 14.40 -8.07
CA LEU B 90 -9.92 14.01 -9.08
C LEU B 90 -8.61 13.59 -8.40
N ARG B 91 -8.19 14.36 -7.39
CA ARG B 91 -6.96 14.09 -6.65
C ARG B 91 -7.03 12.70 -5.99
N TYR B 92 -8.12 12.43 -5.29
CA TYR B 92 -8.29 11.12 -4.66
C TYR B 92 -8.40 9.98 -5.65
N VAL B 93 -8.99 10.24 -6.81
CA VAL B 93 -9.07 9.22 -7.83
C VAL B 93 -7.66 8.87 -8.31
N SER B 94 -6.79 9.87 -8.48
CA SER B 94 -5.43 9.61 -8.93
C SER B 94 -4.62 8.84 -7.88
N TYR B 95 -4.94 9.05 -6.61
CA TYR B 95 -4.24 8.33 -5.53
C TYR B 95 -4.65 6.86 -5.62
N ALA B 96 -5.93 6.61 -5.89
CA ALA B 96 -6.43 5.25 -6.00
C ALA B 96 -5.78 4.52 -7.17
N ILE B 97 -5.51 5.23 -8.26
CA ILE B 97 -4.86 4.63 -9.42
C ILE B 97 -3.42 4.21 -9.10
N ILE B 98 -2.63 5.10 -8.50
CA ILE B 98 -1.26 4.73 -8.18
C ILE B 98 -1.22 3.60 -7.13
N ALA B 99 -2.19 3.57 -6.21
CA ALA B 99 -2.23 2.51 -5.19
C ALA B 99 -2.78 1.18 -5.75
N GLY B 100 -3.62 1.26 -6.77
CA GLY B 100 -4.19 0.06 -7.36
C GLY B 100 -5.24 -0.53 -6.43
N ASP B 101 -5.79 0.31 -5.56
CA ASP B 101 -6.82 -0.11 -4.61
C ASP B 101 -7.71 1.07 -4.22
N SER B 102 -9.01 0.84 -4.08
CA SER B 102 -9.94 1.90 -3.74
C SER B 102 -9.99 2.32 -2.26
N SER B 103 -9.29 1.61 -1.38
CA SER B 103 -9.33 1.95 0.04
C SER B 103 -9.08 3.43 0.35
N ILE B 104 -8.18 4.06 -0.40
CA ILE B 104 -7.85 5.48 -0.18
C ILE B 104 -9.11 6.35 -0.27
N LEU B 105 -10.01 5.96 -1.17
CA LEU B 105 -11.26 6.68 -1.37
C LEU B 105 -12.17 6.44 -0.18
N ASP B 106 -12.29 5.18 0.23
CA ASP B 106 -13.15 4.79 1.35
C ASP B 106 -13.03 5.58 2.64
N ASP B 107 -11.83 5.65 3.23
CA ASP B 107 -11.68 6.37 4.49
C ASP B 107 -11.88 7.89 4.45
N ARG B 108 -12.23 8.42 3.28
CA ARG B 108 -12.48 9.85 3.08
C ARG B 108 -13.89 10.05 2.50
N CYS B 109 -14.09 9.48 1.32
CA CYS B 109 -15.36 9.52 0.60
C CYS B 109 -16.47 8.96 1.50
N LEU B 110 -16.10 8.04 2.39
CA LEU B 110 -17.06 7.46 3.33
C LEU B 110 -17.13 8.27 4.60
N ASN B 111 -16.57 9.47 4.58
CA ASN B 111 -16.65 10.35 5.75
C ASN B 111 -18.01 11.03 5.62
N GLY B 112 -19.04 10.19 5.51
CA GLY B 112 -20.41 10.64 5.37
C GLY B 112 -20.66 11.71 4.33
N LEU B 113 -19.88 11.71 3.25
CA LEU B 113 -20.04 12.73 2.20
C LEU B 113 -21.48 13.00 1.77
N ARG B 114 -22.25 11.95 1.51
CA ARG B 114 -23.63 12.16 1.09
C ARG B 114 -24.45 12.79 2.23
N GLU B 115 -24.02 12.59 3.47
CA GLU B 115 -24.70 13.15 4.65
C GLU B 115 -24.28 14.61 4.80
N THR B 116 -23.00 14.87 4.57
CA THR B 116 -22.44 16.22 4.64
C THR B 116 -23.16 17.13 3.64
N TYR B 117 -23.22 16.68 2.39
CA TYR B 117 -23.88 17.44 1.34
C TYR B 117 -25.33 17.74 1.67
N GLN B 118 -26.06 16.72 2.10
CA GLN B 118 -27.47 16.86 2.47
C GLN B 118 -27.69 17.94 3.49
N ALA B 119 -26.83 17.95 4.51
CA ALA B 119 -26.91 18.92 5.59
C ALA B 119 -26.60 20.33 5.09
N LEU B 120 -25.72 20.42 4.11
CA LEU B 120 -25.37 21.72 3.55
C LEU B 120 -26.30 22.14 2.43
N GLY B 121 -27.07 21.20 1.91
CA GLY B 121 -27.96 21.53 0.81
C GLY B 121 -27.20 21.48 -0.50
N VAL B 122 -26.10 20.72 -0.54
CA VAL B 122 -25.34 20.56 -1.79
C VAL B 122 -26.05 19.46 -2.58
N PRO B 123 -26.45 19.77 -3.81
CA PRO B 123 -27.15 18.78 -4.65
C PRO B 123 -26.22 17.63 -5.06
N GLY B 124 -26.24 16.54 -4.30
CA GLY B 124 -25.38 15.41 -4.62
C GLY B 124 -25.46 14.88 -6.05
N ALA B 125 -26.67 14.85 -6.60
CA ALA B 125 -26.89 14.36 -7.96
C ALA B 125 -26.18 15.21 -9.01
N SER B 126 -26.01 16.53 -8.74
CA SER B 126 -25.32 17.44 -9.65
C SER B 126 -23.80 17.20 -9.57
N VAL B 127 -23.30 16.89 -8.36
CA VAL B 127 -21.89 16.57 -8.17
C VAL B 127 -21.60 15.31 -9.00
N ALA B 128 -22.50 14.32 -8.92
CA ALA B 128 -22.33 13.08 -9.69
C ALA B 128 -22.20 13.38 -11.19
N VAL B 129 -22.98 14.33 -11.70
CA VAL B 129 -22.88 14.70 -13.12
C VAL B 129 -21.49 15.28 -13.42
N GLY B 130 -20.99 16.13 -12.52
CA GLY B 130 -19.65 16.69 -12.68
C GLY B 130 -18.58 15.59 -12.69
N ILE B 131 -18.69 14.63 -11.77
CA ILE B 131 -17.74 13.49 -11.73
C ILE B 131 -17.79 12.68 -13.05
N GLU B 132 -18.99 12.50 -13.61
CA GLU B 132 -19.13 11.75 -14.85
C GLU B 132 -18.45 12.48 -16.01
N LYS B 133 -18.54 13.79 -16.03
CA LYS B 133 -17.88 14.58 -17.09
C LYS B 133 -16.36 14.51 -16.91
N MET B 134 -15.89 14.53 -15.67
CA MET B 134 -14.45 14.40 -15.41
C MET B 134 -13.98 13.00 -15.85
N LYS B 135 -14.79 11.98 -15.59
CA LYS B 135 -14.43 10.61 -15.95
C LYS B 135 -14.14 10.44 -17.43
N ASP B 136 -15.04 10.93 -18.27
CA ASP B 136 -14.88 10.81 -19.71
C ASP B 136 -13.68 11.55 -20.22
N SER B 137 -13.44 12.76 -19.72
CA SER B 137 -12.28 13.49 -20.19
C SER B 137 -10.97 12.86 -19.70
N ALA B 138 -10.95 12.39 -18.45
CA ALA B 138 -9.74 11.76 -17.88
C ALA B 138 -9.35 10.47 -18.62
N ILE B 139 -10.35 9.69 -19.05
CA ILE B 139 -10.07 8.46 -19.78
C ILE B 139 -9.57 8.76 -21.17
N ALA B 140 -10.13 9.78 -21.82
CA ALA B 140 -9.72 10.16 -23.17
C ALA B 140 -8.26 10.62 -23.20
N ILE B 141 -7.91 11.45 -22.22
CA ILE B 141 -6.55 11.98 -22.08
C ILE B 141 -5.56 10.86 -21.73
N ALA B 142 -5.93 10.03 -20.76
CA ALA B 142 -5.05 8.96 -20.33
C ALA B 142 -4.84 7.90 -21.41
N ASN B 143 -5.85 7.68 -22.24
CA ASN B 143 -5.78 6.66 -23.28
C ASN B 143 -5.40 7.17 -24.67
N ASP B 144 -4.97 8.43 -24.75
CA ASP B 144 -4.56 9.04 -26.02
C ASP B 144 -3.37 8.29 -26.63
N PRO B 145 -3.50 7.81 -27.88
CA PRO B 145 -2.44 7.06 -28.56
C PRO B 145 -1.17 7.87 -28.86
N SER B 146 -1.31 9.18 -28.95
CA SER B 146 -0.19 10.03 -29.29
C SER B 146 0.89 10.18 -28.23
N GLY B 147 2.13 10.25 -28.73
CA GLY B 147 3.30 10.47 -27.90
C GLY B 147 3.58 9.51 -26.77
N ILE B 148 3.38 8.23 -27.03
CA ILE B 148 3.60 7.22 -26.01
C ILE B 148 3.81 5.89 -26.74
N THR B 149 4.53 4.97 -26.11
CA THR B 149 4.75 3.67 -26.72
C THR B 149 3.41 2.99 -26.79
N THR B 150 3.06 2.56 -27.99
CA THR B 150 1.77 1.94 -28.22
C THR B 150 1.71 0.54 -27.60
N GLY B 151 0.57 0.25 -26.97
CA GLY B 151 0.33 -1.02 -26.33
C GLY B 151 -1.10 -1.02 -25.80
N ASP B 152 -1.48 -2.04 -25.06
CA ASP B 152 -2.84 -2.09 -24.56
C ASP B 152 -2.99 -1.73 -23.09
N CYS B 153 -3.81 -0.72 -22.83
CA CYS B 153 -4.09 -0.26 -21.48
C CYS B 153 -5.54 -0.46 -21.11
N SER B 154 -6.25 -1.31 -21.86
CA SER B 154 -7.67 -1.53 -21.62
C SER B 154 -7.97 -1.94 -20.17
N ALA B 155 -7.19 -2.86 -19.60
CA ALA B 155 -7.45 -3.27 -18.22
C ALA B 155 -7.37 -2.08 -17.27
N LEU B 156 -6.41 -1.18 -17.50
CA LEU B 156 -6.22 0.02 -16.67
C LEU B 156 -7.37 0.98 -16.81
N MET B 157 -7.79 1.23 -18.03
CA MET B 157 -8.90 2.15 -18.26
C MET B 157 -10.17 1.71 -17.52
N ALA B 158 -10.46 0.40 -17.50
CA ALA B 158 -11.64 -0.09 -16.78
C ALA B 158 -11.46 0.18 -15.30
N GLU B 159 -10.25 -0.04 -14.80
CA GLU B 159 -9.95 0.19 -13.38
C GLU B 159 -10.14 1.67 -13.04
N VAL B 160 -9.62 2.54 -13.90
CA VAL B 160 -9.78 3.97 -13.70
C VAL B 160 -11.28 4.31 -13.63
N GLY B 161 -12.03 3.78 -14.59
CA GLY B 161 -13.46 4.01 -14.63
C GLY B 161 -14.15 3.60 -13.34
N THR B 162 -13.78 2.44 -12.77
CA THR B 162 -14.44 2.02 -11.53
C THR B 162 -14.22 3.00 -10.38
N TYR B 163 -13.07 3.68 -10.35
CA TYR B 163 -12.82 4.64 -9.27
C TYR B 163 -13.72 5.86 -9.42
N PHE B 164 -13.89 6.35 -10.64
CA PHE B 164 -14.77 7.51 -10.82
C PHE B 164 -16.21 7.10 -10.44
N ASP B 165 -16.64 5.92 -10.90
CA ASP B 165 -17.99 5.40 -10.60
C ASP B 165 -18.21 5.27 -9.08
N ARG B 166 -17.17 4.84 -8.37
CA ARG B 166 -17.26 4.71 -6.92
C ARG B 166 -17.47 6.08 -6.28
N ALA B 167 -16.79 7.11 -6.79
CA ALA B 167 -16.94 8.44 -6.25
C ALA B 167 -18.35 9.01 -6.55
N ALA B 168 -18.84 8.79 -7.76
CA ALA B 168 -20.17 9.27 -8.19
C ALA B 168 -21.31 8.62 -7.40
N THR B 169 -21.11 7.37 -7.01
CA THR B 169 -22.09 6.62 -6.23
C THR B 169 -22.14 7.19 -4.81
N ALA B 170 -20.98 7.47 -4.25
CA ALA B 170 -20.87 7.99 -2.89
C ALA B 170 -21.47 9.37 -2.61
N VAL B 171 -21.45 10.25 -3.60
CA VAL B 171 -21.95 11.61 -3.41
C VAL B 171 -23.47 11.78 -3.44
N GLN B 172 -24.19 10.74 -3.84
CA GLN B 172 -25.64 10.82 -3.92
C GLN B 172 -26.38 9.79 -3.05
CHA CYC C . 6.33 -16.45 24.07
NA CYC C . 6.63 -14.89 22.26
C1A CYC C . 6.06 -15.22 23.44
C2A CYC C . 4.98 -14.31 23.72
C3A CYC C . 4.91 -13.39 22.69
C4A CYC C . 5.91 -13.84 21.72
CMA CYC C . 4.00 -12.15 22.68
CAA CYC C . 4.09 -14.34 24.95
CBA CYC C . 2.68 -14.84 24.61
CGA CYC C . 2.71 -16.26 24.14
O1A CYC C . 2.86 -17.14 25.00
O2A CYC C . 2.61 -16.50 22.91
CHB CYC C . 6.27 -13.28 20.45
NB CYC C . 4.05 -12.79 19.57
C1B CYC C . 5.43 -12.82 19.45
C2B CYC C . 5.80 -12.13 18.22
C3B CYC C . 4.68 -11.63 17.65
C4B CYC C . 3.63 -12.02 18.54
CMB CYC C . 7.20 -11.98 17.72
CAB CYC C . 4.58 -10.87 16.30
CBB CYC C . 3.70 -11.55 15.28
OB CYC C . 2.47 -11.77 18.33
NC CYC C . 12.32 -19.28 24.50
C1C CYC C . 13.54 -19.82 24.42
C2C CYC C . 14.25 -19.62 23.09
C3C CYC C . 13.22 -18.75 22.37
C4C CYC C . 11.99 -18.67 23.27
CMC CYC C . 15.72 -19.23 22.99
CAC CYC C . 12.91 -18.85 20.83
CBC CYC C . 13.99 -18.21 20.04
OC CYC C . 14.20 -20.24 25.42
CHD CYC C . 10.65 -18.35 22.90
ND CYC C . 8.63 -17.20 23.29
C1D CYC C . 9.47 -18.20 23.64
C2D CYC C . 8.88 -18.96 24.72
C3D CYC C . 7.70 -18.32 25.07
C4D CYC C . 7.52 -17.25 24.12
CMD CYC C . 9.29 -20.33 25.29
CAD CYC C . 6.81 -18.52 26.34
CBD CYC C . 6.80 -17.44 27.39
CGD CYC C . 5.83 -17.68 28.52
O1D CYC C . 4.91 -18.53 28.42
O2D CYC C . 5.97 -17.00 29.56
CHA CYC D . 6.02 2.58 -21.43
NA CYC D . 5.94 4.41 -19.76
C1A CYC D . 6.59 3.47 -20.51
C2A CYC D . 7.98 3.40 -20.14
C3A CYC D . 8.19 4.37 -19.20
C4A CYC D . 6.89 4.97 -18.95
CMA CYC D . 9.60 4.73 -18.69
CAA CYC D . 9.03 2.49 -20.75
CBA CYC D . 9.84 3.19 -21.85
CGA CYC D . 8.97 3.64 -23.01
O1A CYC D . 8.38 2.75 -23.68
O2A CYC D . 8.86 4.85 -23.29
CHB CYC D . 6.65 6.10 -18.16
NB CYC D . 7.97 5.61 -16.22
C1B CYC D . 7.04 6.37 -16.88
C2B CYC D . 6.68 7.54 -16.09
C3B CYC D . 7.41 7.48 -14.98
C4B CYC D . 8.25 6.34 -15.10
CMB CYC D . 5.64 8.59 -16.45
CAB CYC D . 7.31 8.30 -13.71
CBB CYC D . 8.55 9.07 -13.44
OB CYC D . 9.12 6.06 -14.25
NC CYC D . 0.55 3.15 -24.37
C1C CYC D . -0.56 3.32 -25.08
C2C CYC D . -1.56 3.83 -24.23
C3C CYC D . -1.09 3.96 -22.85
C4C CYC D . 0.35 3.50 -23.02
CMC CYC D . -2.18 5.03 -24.72
CAC CYC D . -1.93 3.34 -21.69
CBC CYC D . -1.67 4.05 -20.38
OC CYC D . -0.70 3.07 -26.31
CHD CYC D . 1.27 3.21 -22.00
ND CYC D . 3.61 3.13 -21.55
C1D CYC D . 2.53 2.59 -22.14
C2D CYC D . 2.91 1.36 -22.83
C3D CYC D . 4.23 1.15 -22.57
C4D CYC D . 4.68 2.33 -21.79
CMD CYC D . 1.99 0.38 -23.55
CAD CYC D . 5.09 -0.05 -23.01
CBD CYC D . 5.19 -1.15 -21.96
CGD CYC D . 6.28 -0.90 -20.95
O1D CYC D . 6.03 -1.09 -19.73
O2D CYC D . 7.39 -0.55 -21.35
CHC PEB E . -16.33 18.30 -0.17
NC PEB E . -17.57 20.34 -0.04
C1C PEB E . -18.06 21.20 0.90
C2C PEB E . -17.78 20.70 2.23
C3C PEB E . -17.15 19.52 2.10
C4C PEB E . -17.07 19.28 0.65
CMC PEB E . -16.63 18.72 3.30
CAC PEB E . -18.02 21.34 3.61
CBC PEB E . -17.77 22.84 3.76
CGC PEB E . -16.49 23.28 3.10
O1C PEB E . -16.54 24.24 2.31
O2C PEB E . -15.43 22.67 3.37
ND PEB E . -15.54 16.04 -0.53
C1D PEB E . -15.55 17.22 0.18
C2D PEB E . -14.48 17.26 1.17
C3D PEB E . -13.73 16.16 0.97
C4D PEB E . -14.42 15.39 -0.08
CMD PEB E . -14.24 18.30 2.26
CAD PEB E . -12.39 15.87 1.67
CBD PEB E . -11.24 15.55 0.73
OD PEB E . -13.92 14.35 -0.57
NA PEB E . -22.22 22.95 -4.96
C1A PEB E . -22.89 23.04 -6.22
C2A PEB E . -22.30 22.00 -7.00
C3A PEB E . -21.04 21.48 -6.43
C4A PEB E . -21.05 22.16 -5.03
CMA PEB E . -23.09 21.03 -7.50
CBA PEB E . -19.64 20.43 -8.34
OA PEB E . -23.93 23.59 -6.60
CHA PEB E . -20.07 22.08 -4.05
CAA PEB E . -19.68 21.52 -7.29
NB PEB E . -19.37 21.85 -1.78
C1B PEB E . -20.04 22.54 -2.74
C2B PEB E . -20.41 23.81 -2.22
C3B PEB E . -19.97 23.84 -0.95
C4B PEB E . -19.34 22.63 -0.67
CHB PEB E . -18.83 22.30 0.59
CMB PEB E . -21.09 24.99 -2.90
CAB PEB E . -19.97 25.02 -0.02
CBB PEB E . -21.22 25.01 0.79
CGB PEB E . -21.35 26.26 1.63
O1B PEB E . -22.44 26.87 1.58
O2B PEB E . -20.37 26.64 2.32
#